data_3O26
#
_entry.id   3O26
#
_cell.length_a   139.906
_cell.length_b   139.906
_cell.length_c   100.174
_cell.angle_alpha   90.00
_cell.angle_beta   90.00
_cell.angle_gamma   120.00
#
_symmetry.space_group_name_H-M   'P 64 2 2'
#
loop_
_entity.id
_entity.type
_entity.pdbx_description
1 polymer 'Salutaridine reductase'
2 non-polymer 'NADPH DIHYDRO-NICOTINAMIDE-ADENINE-DINUCLEOTIDE PHOSPHATE'
3 water water
#
_entity_poly.entity_id   1
_entity_poly.type   'polypeptide(L)'
_entity_poly.pdbx_seq_one_letter_code
;MPETCPNTVTKRRCAVVTGGNKGIGFEICKQLSSNGIMVVLTCRDVTKGHEAVEKLKNSNHENVVFHQLDVTDPIATMSS
LADFIKTHFGKLDILVNNAGVAGFSVDADRFKAMISDIGEDSEELVKIYEKPEAQELMSETYELAEECLKINYNGVKSVT
EVLIPLLQLSDSPRIVNVSSSTGSLKYVSNETALEILGDGDALTEERIDMVVNMLLKDFKENLIETNGWPSFGAAYTTSK
ACLNAYTRVLANKIPKFQVNCVCPGLVKTEMNYGIGNYTAEEGAEHVVRIALFPDDGPSGFFYDCSELSAF
;
_entity_poly.pdbx_strand_id   A
#
loop_
_chem_comp.id
_chem_comp.type
_chem_comp.name
_chem_comp.formula
NDP non-polymer 'NADPH DIHYDRO-NICOTINAMIDE-ADENINE-DINUCLEOTIDE PHOSPHATE' 'C21 H30 N7 O17 P3'
#
# COMPACT_ATOMS: atom_id res chain seq x y z
N ARG A 12 25.97 -3.27 -3.02
CA ARG A 12 24.61 -3.57 -3.45
C ARG A 12 23.58 -2.68 -2.76
N ARG A 13 22.64 -2.16 -3.53
CA ARG A 13 21.51 -1.45 -2.93
C ARG A 13 20.58 -2.45 -2.25
N CYS A 14 19.92 -2.03 -1.19
CA CYS A 14 19.00 -2.92 -0.49
C CYS A 14 17.64 -2.29 -0.29
N ALA A 15 16.63 -3.14 -0.20
CA ALA A 15 15.24 -2.72 -0.16
C ALA A 15 14.46 -3.45 0.92
N VAL A 16 13.48 -2.78 1.49
CA VAL A 16 12.48 -3.41 2.34
C VAL A 16 11.16 -3.32 1.59
N VAL A 17 10.43 -4.42 1.53
CA VAL A 17 9.11 -4.42 0.93
C VAL A 17 8.15 -4.96 1.99
N THR A 18 7.08 -4.21 2.27
CA THR A 18 6.09 -4.67 3.24
C THR A 18 5.00 -5.45 2.51
N GLY A 19 4.39 -6.41 3.18
CA GLY A 19 3.41 -7.27 2.54
C GLY A 19 3.99 -8.04 1.38
N GLY A 20 5.12 -8.70 1.60
CA GLY A 20 5.88 -9.29 0.51
C GLY A 20 5.57 -10.74 0.16
N ASN A 21 4.65 -11.38 0.90
CA ASN A 21 4.45 -12.82 0.73
C ASN A 21 3.59 -13.24 -0.45
N LYS A 22 2.77 -12.31 -0.96
CA LYS A 22 1.90 -12.61 -2.09
C LYS A 22 1.54 -11.35 -2.86
N GLY A 23 0.76 -11.50 -3.94
CA GLY A 23 0.23 -10.36 -4.66
C GLY A 23 1.29 -9.48 -5.29
N ILE A 24 1.02 -8.18 -5.33
CA ILE A 24 1.95 -7.22 -5.90
C ILE A 24 3.27 -7.24 -5.16
N GLY A 25 3.21 -7.29 -3.83
CA GLY A 25 4.38 -7.29 -2.99
C GLY A 25 5.38 -8.39 -3.31
N PHE A 26 4.89 -9.61 -3.49
CA PHE A 26 5.76 -10.73 -3.82
C PHE A 26 6.49 -10.48 -5.14
N GLU A 27 5.77 -9.95 -6.12
CA GLU A 27 6.34 -9.70 -7.44
C GLU A 27 7.31 -8.53 -7.44
N ILE A 28 7.07 -7.56 -6.56
CA ILE A 28 8.02 -6.48 -6.35
C ILE A 28 9.35 -7.02 -5.81
N CYS A 29 9.26 -7.92 -4.82
CA CYS A 29 10.44 -8.55 -4.28
C CYS A 29 11.20 -9.32 -5.37
N LYS A 30 10.47 -10.10 -6.16
CA LYS A 30 11.09 -10.86 -7.25
C LYS A 30 11.81 -9.96 -8.25
N GLN A 31 11.14 -8.89 -8.68
CA GLN A 31 11.71 -8.01 -9.71
C GLN A 31 12.86 -7.14 -9.19
N LEU A 32 12.79 -6.68 -7.95
CA LEU A 32 13.93 -5.95 -7.38
C LEU A 32 15.15 -6.88 -7.35
N SER A 33 14.94 -8.08 -6.83
CA SER A 33 15.97 -9.11 -6.79
C SER A 33 16.59 -9.36 -8.18
N SER A 34 15.74 -9.41 -9.20
CA SER A 34 16.18 -9.60 -10.58
C SER A 34 17.05 -8.45 -11.07
N ASN A 35 16.89 -7.29 -10.45
CA ASN A 35 17.67 -6.12 -10.83
C ASN A 35 18.88 -5.89 -9.91
N GLY A 36 19.26 -6.92 -9.18
CA GLY A 36 20.46 -6.87 -8.35
C GLY A 36 20.32 -6.22 -6.99
N ILE A 37 19.09 -5.96 -6.58
CA ILE A 37 18.84 -5.38 -5.26
C ILE A 37 18.81 -6.47 -4.18
N MET A 38 19.40 -6.18 -3.03
CA MET A 38 19.31 -7.09 -1.88
C MET A 38 17.97 -6.80 -1.20
N VAL A 39 17.08 -7.79 -1.22
CA VAL A 39 15.70 -7.56 -0.78
C VAL A 39 15.39 -8.16 0.59
N VAL A 40 14.96 -7.32 1.52
CA VAL A 40 14.37 -7.82 2.76
C VAL A 40 12.87 -7.97 2.54
N LEU A 41 12.44 -9.21 2.31
CA LEU A 41 11.03 -9.48 2.17
C LEU A 41 10.41 -9.54 3.57
N THR A 42 9.48 -8.65 3.86
CA THR A 42 8.84 -8.68 5.16
C THR A 42 7.36 -8.98 5.01
N CYS A 43 6.79 -9.64 6.02
CA CYS A 43 5.36 -9.88 6.07
C CYS A 43 5.01 -10.30 7.49
N ARG A 44 3.72 -10.34 7.80
CA ARG A 44 3.30 -10.56 9.18
C ARG A 44 3.29 -12.04 9.60
N ASP A 45 3.03 -12.94 8.66
CA ASP A 45 2.95 -14.36 8.97
C ASP A 45 4.30 -15.03 8.70
N VAL A 46 4.91 -15.59 9.74
CA VAL A 46 6.27 -16.14 9.64
C VAL A 46 6.35 -17.30 8.65
N THR A 47 5.38 -18.21 8.73
CA THR A 47 5.35 -19.34 7.81
C THR A 47 5.24 -18.87 6.38
N LYS A 48 4.33 -17.94 6.13
CA LYS A 48 4.13 -17.44 4.78
C LYS A 48 5.37 -16.74 4.28
N GLY A 49 6.07 -16.03 5.18
CA GLY A 49 7.31 -15.37 4.82
C GLY A 49 8.40 -16.33 4.39
N HIS A 50 8.63 -17.36 5.19
CA HIS A 50 9.67 -18.32 4.85
C HIS A 50 9.35 -19.04 3.55
N GLU A 51 8.08 -19.35 3.34
CA GLU A 51 7.68 -20.04 2.12
C GLU A 51 7.87 -19.18 0.86
N ALA A 52 7.61 -17.88 1.00
CA ALA A 52 7.80 -16.95 -0.12
C ALA A 52 9.27 -16.85 -0.49
N VAL A 53 10.12 -16.70 0.52
CA VAL A 53 11.56 -16.59 0.29
C VAL A 53 12.10 -17.89 -0.29
N GLU A 54 11.64 -19.01 0.24
CA GLU A 54 12.08 -20.32 -0.26
C GLU A 54 11.67 -20.47 -1.72
N LYS A 55 10.46 -20.00 -2.04
CA LYS A 55 9.96 -20.03 -3.41
C LYS A 55 10.83 -19.21 -4.37
N LEU A 56 11.29 -18.05 -3.92
CA LEU A 56 12.12 -17.20 -4.77
C LEU A 56 13.52 -17.80 -4.94
N LYS A 57 14.03 -18.40 -3.87
CA LYS A 57 15.32 -19.07 -3.93
C LYS A 57 15.27 -20.22 -4.91
N ASN A 58 14.22 -21.02 -4.84
CA ASN A 58 14.03 -22.12 -5.77
C ASN A 58 13.88 -21.63 -7.20
N SER A 59 13.64 -20.33 -7.35
CA SER A 59 13.56 -19.69 -8.67
C SER A 59 14.86 -18.97 -9.02
N ASN A 60 15.90 -19.23 -8.23
CA ASN A 60 17.22 -18.62 -8.44
C ASN A 60 17.30 -17.13 -8.12
N HIS A 61 16.50 -16.67 -7.16
CA HIS A 61 16.66 -15.34 -6.60
C HIS A 61 17.29 -15.48 -5.23
N GLU A 62 18.61 -15.30 -5.16
CA GLU A 62 19.33 -15.56 -3.90
C GLU A 62 19.45 -14.34 -2.98
N ASN A 63 19.35 -13.14 -3.55
CA ASN A 63 19.52 -11.95 -2.72
C ASN A 63 18.22 -11.51 -2.06
N VAL A 64 17.56 -12.44 -1.36
CA VAL A 64 16.32 -12.17 -0.64
C VAL A 64 16.40 -12.80 0.74
N VAL A 65 16.02 -12.03 1.77
CA VAL A 65 16.01 -12.55 3.14
C VAL A 65 14.71 -12.13 3.82
N PHE A 66 14.21 -12.97 4.72
CA PHE A 66 12.95 -12.70 5.41
C PHE A 66 13.14 -11.96 6.73
N HIS A 67 12.22 -11.06 7.05
CA HIS A 67 12.11 -10.51 8.39
C HIS A 67 10.65 -10.22 8.68
N GLN A 68 10.19 -10.62 9.88
CA GLN A 68 8.80 -10.39 10.32
C GLN A 68 8.46 -8.93 10.45
N LEU A 69 7.27 -8.57 9.95
CA LEU A 69 6.78 -7.20 10.09
C LEU A 69 5.27 -7.14 9.89
N ASP A 70 4.56 -6.85 10.97
CA ASP A 70 3.16 -6.52 10.92
C ASP A 70 3.13 -5.02 11.09
N VAL A 71 2.61 -4.30 10.10
CA VAL A 71 2.76 -2.84 10.11
C VAL A 71 1.91 -2.20 11.21
N THR A 72 1.05 -2.98 11.85
CA THR A 72 0.23 -2.44 12.94
C THR A 72 0.89 -2.60 14.31
N ASP A 73 2.03 -3.28 14.37
CA ASP A 73 2.73 -3.49 15.64
C ASP A 73 3.35 -2.20 16.17
N PRO A 74 3.68 -2.17 17.46
CA PRO A 74 4.27 -0.95 18.03
C PRO A 74 5.61 -0.62 17.38
N ILE A 75 5.89 0.67 17.23
CA ILE A 75 7.12 1.08 16.61
C ILE A 75 8.36 0.54 17.35
N ALA A 76 8.25 0.34 18.66
CA ALA A 76 9.36 -0.23 19.41
C ALA A 76 9.74 -1.62 18.89
N THR A 77 8.74 -2.41 18.50
CA THR A 77 9.03 -3.77 18.01
C THR A 77 9.78 -3.72 16.69
N MET A 78 9.50 -2.68 15.90
CA MET A 78 10.14 -2.54 14.59
C MET A 78 11.61 -2.22 14.69
N SER A 79 12.07 -1.83 15.88
CA SER A 79 13.49 -1.51 16.08
C SER A 79 14.37 -2.69 15.67
N SER A 80 13.81 -3.89 15.76
CA SER A 80 14.57 -5.09 15.43
C SER A 80 14.84 -5.21 13.92
N LEU A 81 13.89 -4.79 13.10
CA LEU A 81 14.12 -4.66 11.66
C LEU A 81 15.20 -3.61 11.38
N ALA A 82 15.09 -2.45 12.00
CA ALA A 82 16.09 -1.40 11.82
C ALA A 82 17.49 -1.92 12.17
N ASP A 83 17.60 -2.61 13.30
CA ASP A 83 18.91 -3.13 13.73
C ASP A 83 19.45 -4.16 12.76
N PHE A 84 18.57 -5.04 12.28
CA PHE A 84 18.95 -6.09 11.34
C PHE A 84 19.57 -5.48 10.09
N ILE A 85 18.90 -4.45 9.56
CA ILE A 85 19.38 -3.78 8.36
C ILE A 85 20.71 -3.07 8.60
N LYS A 86 20.81 -2.35 9.72
CA LYS A 86 22.05 -1.67 10.04
C LYS A 86 23.20 -2.67 10.16
N THR A 87 22.93 -3.75 10.88
CA THR A 87 23.96 -4.76 11.13
C THR A 87 24.46 -5.44 9.85
N HIS A 88 23.54 -5.86 9.00
CA HIS A 88 23.91 -6.61 7.82
C HIS A 88 24.18 -5.75 6.58
N PHE A 89 23.54 -4.59 6.48
CA PHE A 89 23.65 -3.79 5.26
C PHE A 89 24.22 -2.39 5.48
N GLY A 90 24.12 -1.86 6.69
CA GLY A 90 24.68 -0.55 6.97
C GLY A 90 23.84 0.64 6.52
N LYS A 91 22.78 0.39 5.75
CA LYS A 91 21.91 1.45 5.25
C LYS A 91 20.68 0.82 4.61
N LEU A 92 19.71 1.65 4.22
CA LEU A 92 18.57 1.18 3.43
C LEU A 92 18.47 2.13 2.25
N ASP A 93 18.26 1.58 1.06
CA ASP A 93 18.19 2.43 -0.15
C ASP A 93 16.75 2.63 -0.61
N ILE A 94 15.93 1.60 -0.44
CA ILE A 94 14.56 1.59 -0.93
C ILE A 94 13.58 1.07 0.13
N LEU A 95 12.49 1.79 0.35
CA LEU A 95 11.37 1.26 1.14
C LEU A 95 10.14 1.27 0.26
N VAL A 96 9.54 0.10 0.05
CA VAL A 96 8.26 0.06 -0.65
C VAL A 96 7.15 -0.26 0.34
N ASN A 97 6.28 0.72 0.58
CA ASN A 97 5.13 0.51 1.45
C ASN A 97 3.98 -0.09 0.65
N ASN A 98 3.96 -1.42 0.62
CA ASN A 98 3.02 -2.16 -0.21
C ASN A 98 1.83 -2.76 0.55
N ALA A 99 2.09 -3.20 1.78
CA ALA A 99 1.03 -3.82 2.59
C ALA A 99 -0.23 -2.98 2.64
N GLY A 100 -1.38 -3.63 2.43
CA GLY A 100 -2.66 -2.95 2.50
C GLY A 100 -3.82 -3.89 2.36
N VAL A 101 -5.00 -3.42 2.76
CA VAL A 101 -6.22 -4.22 2.74
C VAL A 101 -7.39 -3.38 2.22
N ALA A 102 -8.45 -4.06 1.79
CA ALA A 102 -9.59 -3.43 1.13
C ALA A 102 -10.60 -2.78 2.07
N GLY A 103 -10.72 -3.30 3.29
CA GLY A 103 -11.68 -2.74 4.23
C GLY A 103 -13.08 -3.30 4.06
N PHE A 104 -13.20 -4.37 3.30
CA PHE A 104 -14.47 -5.08 3.17
C PHE A 104 -14.23 -6.57 2.97
N SER A 105 -15.22 -7.38 3.31
CA SER A 105 -15.14 -8.82 3.06
C SER A 105 -16.12 -9.19 1.95
N VAL A 106 -16.02 -10.41 1.45
CA VAL A 106 -16.89 -10.81 0.36
C VAL A 106 -17.51 -12.16 0.65
N ASP A 107 -18.71 -12.37 0.10
CA ASP A 107 -19.32 -13.68 0.10
C ASP A 107 -18.58 -14.49 -0.94
N ALA A 108 -17.64 -15.32 -0.48
CA ALA A 108 -16.75 -16.07 -1.38
C ALA A 108 -17.52 -17.00 -2.32
N ASP A 109 -18.51 -17.71 -1.79
CA ASP A 109 -19.29 -18.63 -2.60
C ASP A 109 -19.96 -17.92 -3.76
N ARG A 110 -20.72 -16.85 -3.47
CA ARG A 110 -21.41 -16.12 -4.52
C ARG A 110 -20.44 -15.36 -5.44
N PHE A 111 -19.29 -14.97 -4.91
CA PHE A 111 -18.32 -14.24 -5.72
C PHE A 111 -17.70 -15.18 -6.75
N LYS A 112 -17.34 -16.38 -6.32
CA LYS A 112 -16.83 -17.38 -7.23
C LYS A 112 -17.87 -17.76 -8.30
N ALA A 113 -19.15 -17.75 -7.92
CA ALA A 113 -20.22 -18.04 -8.85
C ALA A 113 -20.34 -16.94 -9.89
N MET A 114 -20.24 -15.68 -9.45
CA MET A 114 -20.32 -14.53 -10.33
C MET A 114 -19.17 -14.56 -11.35
N ILE A 115 -17.97 -14.86 -10.87
CA ILE A 115 -16.79 -14.93 -11.71
C ILE A 115 -16.93 -16.05 -12.73
N SER A 116 -17.33 -17.22 -12.26
CA SER A 116 -17.57 -18.36 -13.15
C SER A 116 -18.59 -18.01 -14.23
N ASP A 117 -19.72 -17.45 -13.80
CA ASP A 117 -20.80 -17.07 -14.70
C ASP A 117 -20.30 -16.21 -15.86
N ILE A 118 -19.66 -15.09 -15.52
CA ILE A 118 -19.22 -14.11 -16.50
C ILE A 118 -18.06 -14.60 -17.34
N GLY A 119 -17.13 -15.29 -16.70
CA GLY A 119 -15.87 -15.65 -17.33
C GLY A 119 -14.82 -14.60 -17.00
N GLU A 120 -13.71 -15.04 -16.43
CA GLU A 120 -12.61 -14.15 -16.05
C GLU A 120 -11.75 -13.76 -17.24
N ASP A 121 -12.15 -12.67 -17.90
CA ASP A 121 -11.56 -12.25 -19.15
C ASP A 121 -12.40 -11.10 -19.63
N SER A 122 -12.93 -11.22 -20.86
CA SER A 122 -13.91 -10.29 -21.38
C SER A 122 -14.11 -9.17 -20.38
N GLU A 123 -13.53 -8.00 -20.69
CA GLU A 123 -13.60 -6.82 -19.84
C GLU A 123 -14.81 -6.77 -18.90
N GLU A 124 -15.87 -7.47 -19.27
CA GLU A 124 -17.07 -7.60 -18.45
C GLU A 124 -16.82 -7.90 -16.98
N LEU A 125 -15.94 -8.86 -16.68
CA LEU A 125 -15.68 -9.22 -15.29
C LEU A 125 -15.21 -7.99 -14.50
N VAL A 126 -14.21 -7.30 -15.02
CA VAL A 126 -13.76 -6.04 -14.42
C VAL A 126 -14.88 -5.01 -14.37
N LYS A 127 -15.71 -4.99 -15.41
CA LYS A 127 -16.81 -4.03 -15.48
C LYS A 127 -17.83 -4.26 -14.36
N ILE A 128 -18.25 -5.51 -14.19
CA ILE A 128 -19.26 -5.85 -13.19
C ILE A 128 -18.73 -5.77 -11.76
N TYR A 129 -17.43 -5.98 -11.59
CA TYR A 129 -16.80 -5.86 -10.28
C TYR A 129 -17.11 -4.49 -9.66
N GLU A 130 -17.46 -3.53 -10.49
CA GLU A 130 -17.75 -2.17 -10.03
C GLU A 130 -19.25 -1.86 -10.02
N LYS A 131 -20.05 -2.80 -10.50
CA LYS A 131 -21.50 -2.64 -10.52
C LYS A 131 -22.12 -2.89 -9.14
N PRO A 132 -23.39 -2.48 -8.96
CA PRO A 132 -24.09 -2.72 -7.69
C PRO A 132 -24.33 -4.22 -7.47
N GLU A 133 -24.56 -4.96 -8.55
CA GLU A 133 -24.73 -6.40 -8.45
C GLU A 133 -23.57 -6.99 -7.64
N ALA A 134 -22.40 -6.37 -7.76
CA ALA A 134 -21.20 -6.87 -7.09
C ALA A 134 -21.13 -6.39 -5.64
N GLN A 135 -21.44 -5.13 -5.38
CA GLN A 135 -21.35 -4.60 -4.02
C GLN A 135 -22.26 -5.38 -3.08
N GLU A 136 -23.37 -5.89 -3.62
CA GLU A 136 -24.31 -6.65 -2.82
C GLU A 136 -23.64 -7.87 -2.19
N LEU A 137 -22.50 -8.26 -2.77
CA LEU A 137 -21.76 -9.44 -2.28
C LEU A 137 -20.62 -9.06 -1.34
N MET A 138 -20.47 -7.75 -1.10
CA MET A 138 -19.40 -7.22 -0.28
C MET A 138 -19.97 -6.63 1.00
N SER A 139 -19.21 -6.72 2.08
CA SER A 139 -19.66 -6.18 3.36
C SER A 139 -18.57 -5.31 3.99
N GLU A 140 -18.91 -4.06 4.30
CA GLU A 140 -18.02 -3.20 5.05
C GLU A 140 -18.57 -2.96 6.46
N THR A 141 -17.70 -2.93 7.44
CA THR A 141 -18.12 -2.74 8.82
C THR A 141 -17.13 -1.76 9.47
N TYR A 142 -17.53 -1.16 10.59
CA TYR A 142 -16.60 -0.34 11.34
C TYR A 142 -15.31 -1.09 11.70
N GLU A 143 -15.44 -2.32 12.19
CA GLU A 143 -14.28 -3.13 12.56
C GLU A 143 -13.27 -3.21 11.40
N LEU A 144 -13.78 -3.46 10.21
CA LEU A 144 -12.91 -3.59 9.04
C LEU A 144 -12.33 -2.23 8.66
N ALA A 145 -13.10 -1.17 8.89
CA ALA A 145 -12.63 0.18 8.56
C ALA A 145 -11.45 0.56 9.42
N GLU A 146 -11.58 0.28 10.72
CA GLU A 146 -10.56 0.63 11.67
C GLU A 146 -9.28 -0.10 11.32
N GLU A 147 -9.39 -1.38 11.01
CA GLU A 147 -8.22 -2.15 10.61
C GLU A 147 -7.64 -1.61 9.30
N CYS A 148 -8.51 -1.26 8.36
CA CYS A 148 -8.05 -0.75 7.07
C CYS A 148 -7.16 0.48 7.26
N LEU A 149 -7.64 1.44 8.04
CA LEU A 149 -6.89 2.66 8.27
C LEU A 149 -5.58 2.41 9.05
N LYS A 150 -5.62 1.50 10.02
CA LYS A 150 -4.41 1.16 10.77
C LYS A 150 -3.32 0.57 9.89
N ILE A 151 -3.71 -0.18 8.88
CA ILE A 151 -2.73 -0.82 8.01
C ILE A 151 -2.32 0.09 6.87
N ASN A 152 -3.30 0.62 6.15
CA ASN A 152 -3.07 1.41 4.95
C ASN A 152 -2.50 2.81 5.21
N TYR A 153 -2.78 3.36 6.38
CA TYR A 153 -2.30 4.69 6.69
C TYR A 153 -1.33 4.68 7.88
N ASN A 154 -1.82 4.36 9.08
CA ASN A 154 -0.93 4.41 10.23
C ASN A 154 0.25 3.47 10.11
N GLY A 155 0.04 2.31 9.51
CA GLY A 155 1.13 1.36 9.34
C GLY A 155 2.24 1.89 8.45
N VAL A 156 1.85 2.61 7.41
CA VAL A 156 2.84 3.24 6.52
C VAL A 156 3.65 4.28 7.30
N LYS A 157 2.97 5.06 8.13
CA LYS A 157 3.69 6.05 8.94
C LYS A 157 4.70 5.40 9.88
N SER A 158 4.32 4.30 10.54
CA SER A 158 5.21 3.66 11.51
C SER A 158 6.44 3.07 10.86
N VAL A 159 6.24 2.29 9.80
CA VAL A 159 7.35 1.66 9.09
C VAL A 159 8.29 2.73 8.53
N THR A 160 7.72 3.77 7.94
CA THR A 160 8.53 4.85 7.39
C THR A 160 9.34 5.54 8.49
N GLU A 161 8.70 5.85 9.62
CA GLU A 161 9.42 6.51 10.70
C GLU A 161 10.61 5.67 11.20
N VAL A 162 10.41 4.37 11.31
CA VAL A 162 11.44 3.49 11.86
C VAL A 162 12.65 3.37 10.93
N LEU A 163 12.38 3.45 9.63
CA LEU A 163 13.42 3.18 8.64
C LEU A 163 14.07 4.42 8.06
N ILE A 164 13.48 5.58 8.33
CA ILE A 164 14.07 6.83 7.86
C ILE A 164 15.55 7.01 8.26
N PRO A 165 15.92 6.72 9.52
CA PRO A 165 17.34 6.85 9.87
C PRO A 165 18.27 5.96 9.05
N LEU A 166 17.78 4.82 8.56
CA LEU A 166 18.63 3.99 7.68
C LEU A 166 18.66 4.50 6.25
N LEU A 167 17.52 4.98 5.77
CA LEU A 167 17.46 5.62 4.45
C LEU A 167 18.34 6.86 4.41
N GLN A 168 18.42 7.59 5.52
CA GLN A 168 19.34 8.74 5.61
C GLN A 168 20.80 8.36 5.32
N LEU A 169 21.14 7.09 5.45
CA LEU A 169 22.51 6.63 5.25
C LEU A 169 22.80 6.26 3.80
N SER A 170 21.75 6.25 2.98
CA SER A 170 21.89 5.95 1.56
C SER A 170 22.31 7.20 0.77
N ASP A 171 23.01 7.00 -0.34
CA ASP A 171 23.34 8.13 -1.20
C ASP A 171 22.16 8.48 -2.10
N SER A 172 21.20 7.57 -2.19
CA SER A 172 20.03 7.81 -3.05
C SER A 172 18.76 7.15 -2.49
N PRO A 173 18.29 7.60 -1.31
CA PRO A 173 17.13 6.94 -0.67
C PRO A 173 15.81 7.15 -1.41
N ARG A 174 15.00 6.10 -1.50
CA ARG A 174 13.70 6.20 -2.15
C ARG A 174 12.63 5.57 -1.25
N ILE A 175 11.47 6.19 -1.19
CA ILE A 175 10.29 5.59 -0.59
C ILE A 175 9.18 5.58 -1.63
N VAL A 176 8.62 4.39 -1.88
CA VAL A 176 7.51 4.29 -2.81
C VAL A 176 6.30 3.74 -2.08
N ASN A 177 5.22 4.51 -2.07
CA ASN A 177 3.99 4.06 -1.42
C ASN A 177 2.99 3.60 -2.48
N VAL A 178 2.45 2.40 -2.30
CA VAL A 178 1.54 1.86 -3.28
C VAL A 178 0.14 2.36 -2.99
N SER A 179 -0.38 3.21 -3.87
CA SER A 179 -1.66 3.86 -3.63
C SER A 179 -2.70 3.36 -4.65
N SER A 180 -3.84 4.04 -4.71
CA SER A 180 -4.88 3.69 -5.66
C SER A 180 -5.52 4.96 -6.22
N SER A 181 -5.99 4.90 -7.46
CA SER A 181 -6.61 6.06 -8.07
C SER A 181 -7.94 6.40 -7.40
N THR A 182 -8.51 5.44 -6.66
CA THR A 182 -9.73 5.71 -5.92
C THR A 182 -9.46 6.66 -4.75
N GLY A 183 -8.19 6.91 -4.47
CA GLY A 183 -7.79 7.87 -3.46
C GLY A 183 -7.72 9.30 -3.99
N SER A 184 -8.09 9.50 -5.25
CA SER A 184 -8.05 10.85 -5.83
C SER A 184 -9.04 11.77 -5.13
N LEU A 185 -8.71 13.06 -5.07
CA LEU A 185 -9.58 14.02 -4.41
C LEU A 185 -11.00 14.04 -5.00
N LYS A 186 -11.14 13.59 -6.25
CA LYS A 186 -12.46 13.59 -6.88
C LYS A 186 -13.44 12.69 -6.14
N TYR A 187 -12.90 11.74 -5.37
CA TYR A 187 -13.76 10.79 -4.69
C TYR A 187 -13.92 11.10 -3.21
N VAL A 188 -13.28 12.17 -2.76
CA VAL A 188 -13.42 12.62 -1.37
C VAL A 188 -14.67 13.51 -1.26
N SER A 189 -15.75 12.90 -0.78
CA SER A 189 -17.06 13.53 -0.76
C SER A 189 -17.31 14.38 0.47
N ASN A 190 -16.83 13.93 1.62
CA ASN A 190 -17.02 14.68 2.85
C ASN A 190 -16.41 16.07 2.72
N GLU A 191 -17.20 17.10 3.04
CA GLU A 191 -16.78 18.47 2.80
C GLU A 191 -15.58 18.88 3.64
N THR A 192 -15.60 18.51 4.91
CA THR A 192 -14.48 18.84 5.79
C THR A 192 -13.20 18.15 5.31
N ALA A 193 -13.29 16.86 4.97
CA ALA A 193 -12.13 16.12 4.50
C ALA A 193 -11.59 16.70 3.20
N LEU A 194 -12.49 17.07 2.29
CA LEU A 194 -12.08 17.61 1.01
C LEU A 194 -11.35 18.93 1.23
N GLU A 195 -11.83 19.71 2.19
CA GLU A 195 -11.22 20.99 2.46
C GLU A 195 -9.80 20.83 3.00
N ILE A 196 -9.60 19.85 3.87
CA ILE A 196 -8.26 19.62 4.43
C ILE A 196 -7.30 19.03 3.39
N LEU A 197 -7.73 17.97 2.71
CA LEU A 197 -6.86 17.26 1.79
C LEU A 197 -6.60 18.06 0.52
N GLY A 198 -7.55 18.92 0.15
CA GLY A 198 -7.40 19.76 -1.02
C GLY A 198 -6.59 21.04 -0.82
N ASP A 199 -6.37 21.43 0.43
CA ASP A 199 -5.56 22.61 0.77
C ASP A 199 -4.10 22.19 0.84
N GLY A 200 -3.50 21.97 -0.33
CA GLY A 200 -2.15 21.47 -0.42
C GLY A 200 -1.14 22.28 0.37
N ASP A 201 -1.22 23.61 0.26
CA ASP A 201 -0.25 24.47 0.96
C ASP A 201 -0.25 24.30 2.47
N ALA A 202 -1.37 23.84 3.03
CA ALA A 202 -1.54 23.76 4.49
C ALA A 202 -1.45 22.34 5.04
N LEU A 203 -1.13 21.37 4.18
CA LEU A 203 -1.03 19.97 4.60
C LEU A 203 0.01 19.77 5.68
N THR A 204 -0.39 19.07 6.75
CA THR A 204 0.55 18.59 7.74
C THR A 204 0.12 17.19 8.15
N GLU A 205 1.01 16.45 8.79
CA GLU A 205 0.67 15.11 9.23
C GLU A 205 -0.48 15.17 10.21
N GLU A 206 -0.45 16.17 11.09
CA GLU A 206 -1.50 16.35 12.09
C GLU A 206 -2.87 16.59 11.47
N ARG A 207 -2.92 17.38 10.40
CA ARG A 207 -4.21 17.64 9.76
C ARG A 207 -4.72 16.41 9.03
N ILE A 208 -3.81 15.62 8.45
CA ILE A 208 -4.21 14.39 7.78
C ILE A 208 -4.74 13.39 8.80
N ASP A 209 -4.08 13.33 9.96
CA ASP A 209 -4.54 12.46 11.04
C ASP A 209 -5.97 12.84 11.42
N MET A 210 -6.28 14.14 11.42
CA MET A 210 -7.62 14.61 11.74
C MET A 210 -8.66 14.03 10.79
N VAL A 211 -8.30 13.95 9.52
CA VAL A 211 -9.22 13.42 8.53
C VAL A 211 -9.48 11.95 8.80
N VAL A 212 -8.41 11.21 9.08
CA VAL A 212 -8.53 9.80 9.42
C VAL A 212 -9.43 9.62 10.64
N ASN A 213 -9.20 10.43 11.68
CA ASN A 213 -9.96 10.28 12.93
C ASN A 213 -11.42 10.68 12.76
N MET A 214 -11.66 11.68 11.91
CA MET A 214 -12.98 12.13 11.51
C MET A 214 -13.76 10.99 10.86
N LEU A 215 -13.12 10.31 9.92
CA LEU A 215 -13.76 9.19 9.23
C LEU A 215 -14.11 8.07 10.21
N LEU A 216 -13.14 7.64 11.01
CA LEU A 216 -13.35 6.56 11.96
C LEU A 216 -14.45 6.89 12.97
N LYS A 217 -14.48 8.13 13.44
CA LYS A 217 -15.49 8.56 14.40
C LYS A 217 -16.88 8.53 13.76
N ASP A 218 -17.01 9.10 12.57
CA ASP A 218 -18.27 9.08 11.83
C ASP A 218 -18.68 7.65 11.47
N PHE A 219 -17.72 6.81 11.11
CA PHE A 219 -18.03 5.42 10.77
C PHE A 219 -18.62 4.72 12.01
N LYS A 220 -17.92 4.82 13.13
CA LYS A 220 -18.35 4.19 14.36
C LYS A 220 -19.72 4.66 14.82
N GLU A 221 -20.03 5.92 14.56
CA GLU A 221 -21.29 6.52 14.98
C GLU A 221 -22.34 6.45 13.89
N ASN A 222 -22.10 5.61 12.89
CA ASN A 222 -23.10 5.38 11.85
C ASN A 222 -23.48 6.67 11.12
N LEU A 223 -22.49 7.51 10.83
CA LEU A 223 -22.71 8.79 10.13
C LEU A 223 -22.15 8.85 8.71
N ILE A 224 -21.91 7.70 8.10
CA ILE A 224 -21.33 7.67 6.76
C ILE A 224 -22.21 8.37 5.72
N GLU A 225 -23.48 8.00 5.68
CA GLU A 225 -24.42 8.62 4.76
C GLU A 225 -24.71 10.04 5.19
N THR A 226 -24.94 10.21 6.49
CA THR A 226 -25.33 11.49 7.05
C THR A 226 -24.32 12.60 6.78
N ASN A 227 -23.03 12.30 6.90
CA ASN A 227 -22.02 13.34 6.73
C ASN A 227 -21.38 13.37 5.34
N GLY A 228 -21.99 12.67 4.38
CA GLY A 228 -21.59 12.79 3.00
C GLY A 228 -20.33 12.04 2.61
N TRP A 229 -19.99 10.98 3.34
CA TRP A 229 -18.87 10.12 2.98
C TRP A 229 -19.29 9.23 1.80
N PRO A 230 -18.31 8.62 1.10
CA PRO A 230 -18.67 7.70 0.02
C PRO A 230 -19.57 6.58 0.53
N SER A 231 -20.56 6.18 -0.26
CA SER A 231 -21.55 5.20 0.22
C SER A 231 -20.95 3.80 0.35
N PHE A 232 -19.87 3.55 -0.37
CA PHE A 232 -19.15 2.28 -0.21
C PHE A 232 -17.65 2.47 -0.37
N GLY A 233 -16.87 1.71 0.41
CA GLY A 233 -15.41 1.77 0.32
C GLY A 233 -14.83 3.05 0.92
N ALA A 234 -15.57 3.68 1.83
CA ALA A 234 -15.08 4.92 2.44
C ALA A 234 -13.74 4.77 3.20
N ALA A 235 -13.54 3.64 3.89
CA ALA A 235 -12.28 3.45 4.61
C ALA A 235 -11.10 3.37 3.65
N TYR A 236 -11.22 2.54 2.63
CA TYR A 236 -10.14 2.35 1.65
C TYR A 236 -9.82 3.64 0.92
N THR A 237 -10.84 4.27 0.34
CA THR A 237 -10.55 5.44 -0.50
C THR A 237 -9.99 6.57 0.36
N THR A 238 -10.55 6.75 1.55
CA THR A 238 -10.00 7.72 2.50
C THR A 238 -8.56 7.38 2.92
N SER A 239 -8.27 6.10 3.15
CA SER A 239 -6.93 5.72 3.57
C SER A 239 -5.91 6.05 2.48
N LYS A 240 -6.29 5.89 1.22
CA LYS A 240 -5.35 6.16 0.13
C LYS A 240 -5.22 7.65 -0.18
N ALA A 241 -6.31 8.40 0.00
CA ALA A 241 -6.26 9.84 -0.16
C ALA A 241 -5.36 10.41 0.93
N CYS A 242 -5.46 9.85 2.13
CA CYS A 242 -4.57 10.29 3.22
C CYS A 242 -3.14 9.83 3.00
N LEU A 243 -2.95 8.64 2.44
CA LEU A 243 -1.61 8.17 2.09
C LEU A 243 -0.95 9.14 1.09
N ASN A 244 -1.70 9.56 0.07
CA ASN A 244 -1.17 10.51 -0.92
C ASN A 244 -0.75 11.82 -0.23
N ALA A 245 -1.62 12.34 0.62
CA ALA A 245 -1.32 13.61 1.31
C ALA A 245 -0.11 13.48 2.20
N TYR A 246 0.01 12.34 2.88
CA TYR A 246 1.15 12.10 3.75
C TYR A 246 2.42 12.02 2.92
N THR A 247 2.32 11.37 1.76
CA THR A 247 3.45 11.28 0.83
C THR A 247 3.95 12.67 0.40
N ARG A 248 3.03 13.58 0.11
CA ARG A 248 3.42 14.94 -0.22
C ARG A 248 4.07 15.66 0.96
N VAL A 249 3.51 15.51 2.15
CA VAL A 249 4.11 16.11 3.34
C VAL A 249 5.52 15.60 3.59
N LEU A 250 5.69 14.29 3.47
CA LEU A 250 6.99 13.68 3.68
C LEU A 250 8.00 14.16 2.63
N ALA A 251 7.58 14.25 1.37
CA ALA A 251 8.44 14.76 0.31
C ALA A 251 8.97 16.17 0.67
N ASN A 252 8.08 17.04 1.16
CA ASN A 252 8.49 18.40 1.56
C ASN A 252 9.52 18.37 2.68
N LYS A 253 9.25 17.55 3.69
CA LYS A 253 10.11 17.47 4.88
C LYS A 253 11.50 16.93 4.63
N ILE A 254 11.65 16.03 3.66
CA ILE A 254 12.92 15.35 3.47
C ILE A 254 13.36 15.46 2.00
N PRO A 255 13.82 16.66 1.60
CA PRO A 255 14.20 16.87 0.19
C PRO A 255 15.32 15.95 -0.31
N LYS A 256 16.09 15.31 0.57
CA LYS A 256 17.10 14.34 0.14
C LYS A 256 16.49 13.11 -0.51
N PHE A 257 15.30 12.73 -0.04
CA PHE A 257 14.67 11.49 -0.49
C PHE A 257 13.85 11.69 -1.76
N GLN A 258 13.68 10.62 -2.54
CA GLN A 258 12.57 10.54 -3.47
C GLN A 258 11.41 9.88 -2.74
N VAL A 259 10.31 10.60 -2.59
CA VAL A 259 9.12 10.07 -1.95
C VAL A 259 7.92 10.21 -2.88
N ASN A 260 7.39 9.10 -3.38
CA ASN A 260 6.28 9.14 -4.32
C ASN A 260 5.28 8.02 -4.07
N CYS A 261 4.07 8.21 -4.58
CA CYS A 261 3.10 7.13 -4.66
C CYS A 261 3.03 6.62 -6.07
N VAL A 262 2.65 5.35 -6.22
CA VAL A 262 2.32 4.77 -7.51
C VAL A 262 0.99 4.03 -7.42
N CYS A 263 0.10 4.30 -8.37
CA CYS A 263 -1.15 3.55 -8.47
C CYS A 263 -0.98 2.51 -9.56
N PRO A 264 -0.88 1.24 -9.16
CA PRO A 264 -0.49 0.16 -10.07
C PRO A 264 -1.56 -0.26 -11.09
N GLY A 265 -2.72 0.38 -11.07
CA GLY A 265 -3.83 -0.08 -11.89
C GLY A 265 -4.56 -1.23 -11.21
N LEU A 266 -5.61 -1.76 -11.84
CA LEU A 266 -6.34 -2.87 -11.23
C LEU A 266 -5.62 -4.19 -11.49
N VAL A 267 -5.17 -4.83 -10.42
CA VAL A 267 -4.28 -5.99 -10.52
C VAL A 267 -4.94 -7.26 -10.02
N LYS A 268 -4.68 -8.36 -10.74
CA LYS A 268 -5.26 -9.67 -10.44
C LYS A 268 -4.62 -10.31 -9.22
N THR A 269 -5.01 -9.88 -8.03
CA THR A 269 -4.49 -10.48 -6.81
C THR A 269 -5.67 -10.93 -5.99
N GLU A 270 -5.39 -11.56 -4.85
CA GLU A 270 -6.43 -11.99 -3.94
C GLU A 270 -7.23 -10.83 -3.35
N MET A 271 -6.66 -9.61 -3.40
CA MET A 271 -7.43 -8.44 -2.93
C MET A 271 -8.71 -8.34 -3.73
N ASN A 272 -8.66 -8.71 -5.00
CA ASN A 272 -9.82 -8.61 -5.89
C ASN A 272 -10.39 -9.97 -6.26
N TYR A 273 -10.02 -11.00 -5.50
CA TYR A 273 -10.45 -12.34 -5.83
C TYR A 273 -10.06 -12.70 -7.26
N GLY A 274 -8.86 -12.26 -7.67
CA GLY A 274 -8.32 -12.60 -8.96
C GLY A 274 -8.70 -11.65 -10.08
N ILE A 275 -9.64 -10.75 -9.83
CA ILE A 275 -10.10 -9.82 -10.87
C ILE A 275 -9.12 -8.65 -11.09
N GLY A 276 -8.88 -8.31 -12.36
CA GLY A 276 -8.08 -7.13 -12.68
C GLY A 276 -7.70 -6.98 -14.15
N ASN A 277 -7.15 -5.82 -14.49
CA ASN A 277 -6.64 -5.58 -15.85
C ASN A 277 -5.20 -6.06 -16.02
N TYR A 278 -4.45 -6.06 -14.92
CA TYR A 278 -3.03 -6.43 -14.97
C TYR A 278 -2.73 -7.64 -14.10
N THR A 279 -1.73 -8.41 -14.51
CA THR A 279 -1.25 -9.50 -13.70
C THR A 279 -0.46 -8.91 -12.53
N ALA A 280 -0.22 -9.72 -11.51
CA ALA A 280 0.61 -9.29 -10.39
C ALA A 280 1.98 -8.83 -10.90
N GLU A 281 2.55 -9.59 -11.83
CA GLU A 281 3.84 -9.22 -12.41
C GLU A 281 3.79 -7.82 -13.02
N GLU A 282 2.75 -7.55 -13.80
CA GLU A 282 2.59 -6.24 -14.42
C GLU A 282 2.37 -5.11 -13.41
N GLY A 283 1.52 -5.36 -12.41
CA GLY A 283 1.32 -4.37 -11.36
C GLY A 283 2.62 -4.01 -10.67
N ALA A 284 3.39 -5.02 -10.29
CA ALA A 284 4.67 -4.80 -9.62
C ALA A 284 5.64 -4.02 -10.51
N GLU A 285 5.63 -4.32 -11.80
CA GLU A 285 6.48 -3.61 -12.74
C GLU A 285 6.23 -2.10 -12.66
N HIS A 286 4.96 -1.71 -12.57
CA HIS A 286 4.60 -0.31 -12.45
C HIS A 286 5.23 0.35 -11.22
N VAL A 287 5.30 -0.39 -10.11
CA VAL A 287 5.87 0.15 -8.88
C VAL A 287 7.39 0.13 -8.95
N VAL A 288 7.95 -0.97 -9.42
CA VAL A 288 9.41 -1.10 -9.54
C VAL A 288 10.02 -0.03 -10.44
N ARG A 289 9.30 0.44 -11.46
CA ARG A 289 9.86 1.46 -12.35
C ARG A 289 10.13 2.74 -11.59
N ILE A 290 9.32 3.02 -10.56
CA ILE A 290 9.56 4.23 -9.78
C ILE A 290 10.60 3.97 -8.70
N ALA A 291 10.57 2.80 -8.07
CA ALA A 291 11.56 2.45 -7.06
C ALA A 291 12.98 2.51 -7.62
N LEU A 292 13.11 2.24 -8.90
CA LEU A 292 14.44 2.20 -9.51
C LEU A 292 14.68 3.40 -10.45
N PHE A 293 13.95 4.49 -10.20
CA PHE A 293 14.21 5.76 -10.88
C PHE A 293 15.71 6.09 -10.80
N PRO A 294 16.23 6.85 -11.77
CA PRO A 294 17.61 7.34 -11.67
C PRO A 294 17.77 8.21 -10.43
N ASP A 295 19.00 8.39 -9.97
CA ASP A 295 19.29 9.15 -8.76
C ASP A 295 18.76 10.56 -8.89
N ASP A 296 18.73 11.08 -10.10
CA ASP A 296 18.14 12.38 -10.31
C ASP A 296 16.67 12.17 -10.65
N GLY A 297 15.84 12.10 -9.60
CA GLY A 297 14.42 11.79 -9.78
C GLY A 297 13.52 12.73 -9.00
N PRO A 298 12.26 12.87 -9.42
CA PRO A 298 11.38 13.82 -8.73
C PRO A 298 10.88 13.22 -7.43
N SER A 299 10.21 14.03 -6.62
CA SER A 299 9.69 13.57 -5.33
C SER A 299 8.39 14.31 -5.06
N GLY A 300 7.45 13.61 -4.41
CA GLY A 300 6.20 14.25 -4.00
C GLY A 300 5.06 14.06 -4.99
N PHE A 301 5.16 13.11 -5.90
CA PHE A 301 4.13 12.92 -6.93
C PHE A 301 3.41 11.59 -6.85
N PHE A 302 2.29 11.49 -7.56
CA PHE A 302 1.42 10.32 -7.49
C PHE A 302 1.29 9.71 -8.88
N TYR A 303 2.17 8.78 -9.21
CA TYR A 303 2.21 8.23 -10.56
C TYR A 303 1.02 7.37 -10.94
N ASP A 304 0.38 7.76 -12.04
CA ASP A 304 -0.66 6.97 -12.69
C ASP A 304 -1.94 6.95 -11.86
N CYS A 305 -2.07 7.97 -11.01
CA CYS A 305 -3.19 8.07 -10.08
C CYS A 305 -4.30 8.95 -10.66
PA NDP B . -2.91 -8.80 -1.56
O1A NDP B . -2.71 -9.86 -2.55
O2A NDP B . -4.27 -9.06 -0.69
O5B NDP B . -1.61 -8.71 -0.58
C5B NDP B . -1.70 -7.88 0.54
C4B NDP B . -0.35 -8.00 1.26
O4B NDP B . -0.38 -7.07 2.39
C3B NDP B . -0.22 -9.41 1.83
O3B NDP B . 1.15 -9.74 1.90
C2B NDP B . -0.79 -9.25 3.20
O2B NDP B . -0.29 -10.21 4.08
C1B NDP B . -0.16 -7.92 3.54
N9A NDP B . -0.78 -7.35 4.71
C8A NDP B . -2.21 -7.17 5.03
N7A NDP B . -2.27 -6.60 6.39
C5A NDP B . -0.89 -6.47 6.88
C6A NDP B . -0.31 -6.05 8.17
N6A NDP B . -1.18 -5.69 9.26
N1A NDP B . 1.13 -6.02 8.33
C2A NDP B . 2.03 -6.43 7.24
N3A NDP B . 1.45 -6.95 5.99
C4A NDP B . 0.02 -6.94 5.83
O3 NDP B . -3.20 -7.32 -2.16
PN NDP B . -2.34 -6.56 -3.32
O1N NDP B . -1.07 -7.23 -3.60
O2N NDP B . -3.39 -6.42 -4.56
O5D NDP B . -2.10 -5.04 -2.67
C5D NDP B . -0.83 -4.57 -2.30
C4D NDP B . -0.92 -3.02 -2.31
O4D NDP B . -1.39 -2.60 -3.62
C3D NDP B . -2.01 -2.57 -1.33
O3D NDP B . -1.61 -1.42 -0.66
C2D NDP B . -3.19 -2.25 -2.21
O2D NDP B . -4.06 -1.30 -1.65
C1D NDP B . -2.44 -1.63 -3.40
N1N NDP B . -3.28 -1.59 -4.58
C2N NDP B . -3.84 -2.84 -5.12
C3N NDP B . -4.70 -2.80 -6.38
C7N NDP B . -5.28 -4.09 -6.94
O7N NDP B . -6.04 -4.03 -7.84
N7N NDP B . -4.81 -5.36 -6.42
C4N NDP B . -4.97 -1.51 -7.06
C5N NDP B . -4.39 -0.25 -6.51
C6N NDP B . -3.53 -0.30 -5.26
P2B NDP B . -1.20 -11.55 4.38
O1X NDP B . -2.62 -11.20 4.43
O2X NDP B . -0.90 -12.64 3.18
O3X NDP B . -0.71 -12.07 5.85
#